data_8G0P
#
_entry.id   8G0P
#
_cell.length_a   49.903
_cell.length_b   72.259
_cell.length_c   80.065
_cell.angle_alpha   90.000
_cell.angle_beta   98.560
_cell.angle_gamma   90.000
#
_symmetry.space_group_name_H-M   'C 1 2 1'
#
loop_
_entity.id
_entity.type
_entity.pdbx_description
1 polymer 'Kinetochore protein NDC80 homolog'
2 polymer 'Kinetochore protein Nuf2'
3 water water
#
loop_
_entity_poly.entity_id
_entity_poly.type
_entity_poly.pdbx_seq_one_letter_code
_entity_poly.pdbx_strand_id
1 'polypeptide(L)'
;SCNHERNELQQTINKLTKDLEAEQQKLWNEELKYARGKEAIETQLAEYHKLARKLKLIPKGAENSKGYDFEIKFNPEAGA
NCLVKYRAQVYVPLKELLNETEEEINKALNKKMGLEDTLEQLNAMITESKRSVRTLKEEVQKC
;
A
2 'polypeptide(L)'
;CKNYKEKMKDTVQKLKNARQEVVEKYEIYGDSVDCLPSCQLEVQLYQKKIQDLSDNREKLASILKESLNLEDQIESDESE
LKKLKTEENSFKRLMIVC
;
B
#
# COMPACT_ATOMS: atom_id res chain seq x y z
N SER A 1 -33.54 59.61 17.94
CA SER A 1 -34.40 59.60 16.72
C SER A 1 -33.64 60.12 15.50
N CYS A 2 -33.63 61.45 15.33
CA CYS A 2 -32.93 62.03 14.20
C CYS A 2 -31.42 61.94 14.35
N ASN A 3 -30.91 61.75 15.56
CA ASN A 3 -29.48 61.59 15.79
C ASN A 3 -29.20 60.34 16.61
N HIS A 4 -29.86 60.19 17.76
CA HIS A 4 -29.62 59.03 18.61
C HIS A 4 -29.78 57.74 17.82
N GLU A 5 -30.95 57.55 17.23
CA GLU A 5 -31.15 56.38 16.38
C GLU A 5 -30.11 56.41 15.26
N ARG A 6 -30.24 57.34 14.32
CA ARG A 6 -29.37 57.37 13.15
C ARG A 6 -27.92 57.06 13.50
N ASN A 7 -27.41 57.70 14.57
CA ASN A 7 -26.04 57.45 14.98
C ASN A 7 -25.86 56.02 15.48
N GLU A 8 -26.83 55.51 16.25
CA GLU A 8 -26.74 54.13 16.71
C GLU A 8 -26.78 53.16 15.54
N LEU A 9 -27.61 53.46 14.52
CA LEU A 9 -27.60 52.62 13.32
C LEU A 9 -26.23 52.67 12.64
N GLN A 10 -25.58 53.85 12.65
CA GLN A 10 -24.27 53.97 12.03
C GLN A 10 -23.24 53.08 12.72
N GLN A 11 -23.18 53.14 14.05
CA GLN A 11 -22.24 52.29 14.77
C GLN A 11 -22.47 50.82 14.48
N THR A 12 -23.73 50.43 14.28
CA THR A 12 -24.01 49.05 13.88
C THR A 12 -23.43 48.75 12.50
N ILE A 13 -23.59 49.69 11.56
CA ILE A 13 -22.96 49.52 10.24
C ILE A 13 -21.45 49.35 10.40
N ASN A 14 -20.83 50.17 11.25
CA ASN A 14 -19.38 50.08 11.44
C ASN A 14 -18.99 48.71 12.01
N LYS A 15 -19.69 48.27 13.05
CA LYS A 15 -19.39 46.97 13.65
C LYS A 15 -19.60 45.85 12.64
N LEU A 16 -20.80 45.77 12.07
CA LEU A 16 -21.11 44.70 11.14
C LEU A 16 -20.16 44.67 9.96
N THR A 17 -19.71 45.84 9.50
CA THR A 17 -18.77 45.88 8.38
C THR A 17 -17.44 45.22 8.76
N LYS A 18 -16.95 45.49 9.98
CA LYS A 18 -15.75 44.82 10.43
C LYS A 18 -15.99 43.34 10.71
N ASP A 19 -17.18 42.99 11.19
CA ASP A 19 -17.51 41.58 11.37
C ASP A 19 -17.50 40.84 10.05
N LEU A 20 -18.04 41.46 8.99
CA LEU A 20 -18.00 40.84 7.67
C LEU A 20 -16.57 40.65 7.19
N GLU A 21 -15.74 41.69 7.35
CA GLU A 21 -14.33 41.57 6.97
C GLU A 21 -13.67 40.39 7.66
N ALA A 22 -13.95 40.19 8.95
CA ALA A 22 -13.35 39.09 9.67
C ALA A 22 -13.81 37.74 9.11
N GLU A 23 -15.05 37.65 8.66
CA GLU A 23 -15.55 36.41 8.10
C GLU A 23 -15.04 36.18 6.68
N GLN A 24 -14.87 37.26 5.90
CA GLN A 24 -14.23 37.13 4.60
C GLN A 24 -12.81 36.62 4.75
N GLN A 25 -12.11 37.07 5.79
CA GLN A 25 -10.76 36.58 6.06
C GLN A 25 -10.78 35.10 6.41
N LYS A 26 -11.69 34.71 7.30
CA LYS A 26 -11.75 33.31 7.73
C LYS A 26 -12.06 32.38 6.56
N LEU A 27 -12.94 32.80 5.66
CA LEU A 27 -13.28 31.96 4.51
C LEU A 27 -12.07 31.75 3.62
N TRP A 28 -11.40 32.84 3.22
CA TRP A 28 -10.20 32.74 2.41
C TRP A 28 -9.16 31.86 3.09
N ASN A 29 -8.96 32.06 4.40
CA ASN A 29 -8.02 31.23 5.16
C ASN A 29 -8.37 29.75 5.02
N GLU A 30 -9.62 29.39 5.32
CA GLU A 30 -10.01 27.99 5.27
C GLU A 30 -9.95 27.44 3.85
N GLU A 31 -10.17 28.29 2.85
CA GLU A 31 -10.05 27.84 1.46
C GLU A 31 -8.62 27.41 1.16
N LEU A 32 -7.64 28.19 1.62
CA LEU A 32 -6.25 27.86 1.35
C LEU A 32 -5.79 26.64 2.14
N LYS A 33 -6.29 26.46 3.36
CA LYS A 33 -6.00 25.24 4.10
C LYS A 33 -6.49 24.01 3.35
N TYR A 34 -7.74 24.07 2.86
CA TYR A 34 -8.30 22.95 2.10
C TYR A 34 -7.46 22.67 0.86
N ALA A 35 -6.98 23.73 0.19
CA ALA A 35 -6.16 23.53 -1.00
C ALA A 35 -4.85 22.84 -0.66
N ARG A 36 -4.18 23.30 0.40
CA ARG A 36 -2.96 22.63 0.85
C ARG A 36 -3.25 21.19 1.25
N GLY A 37 -4.34 20.96 1.99
CA GLY A 37 -4.68 19.61 2.38
C GLY A 37 -4.93 18.70 1.20
N LYS A 38 -5.58 19.23 0.16
CA LYS A 38 -5.77 18.46 -1.06
C LYS A 38 -4.44 18.07 -1.67
N GLU A 39 -3.65 19.06 -2.08
CA GLU A 39 -2.36 18.84 -2.72
C GLU A 39 -1.56 17.76 -2.00
N ALA A 40 -1.60 17.77 -0.66
CA ALA A 40 -0.92 16.74 0.10
C ALA A 40 -1.46 15.36 -0.21
N ILE A 41 -2.77 15.24 -0.47
CA ILE A 41 -3.37 13.96 -0.79
C ILE A 41 -3.01 13.57 -2.23
N GLU A 42 -3.08 14.52 -3.16
CA GLU A 42 -2.69 14.21 -4.54
C GLU A 42 -1.24 13.77 -4.61
N THR A 43 -0.38 14.36 -3.78
CA THR A 43 1.03 13.95 -3.75
C THR A 43 1.16 12.51 -3.25
N GLN A 44 0.43 12.14 -2.21
CA GLN A 44 0.49 10.77 -1.71
C GLN A 44 -0.10 9.79 -2.70
N LEU A 45 -1.19 10.19 -3.38
CA LEU A 45 -1.79 9.33 -4.40
C LEU A 45 -0.82 9.09 -5.55
N ALA A 46 -0.07 10.13 -5.95
CA ALA A 46 0.90 9.97 -7.02
C ALA A 46 1.96 8.95 -6.65
N GLU A 47 2.33 8.89 -5.36
CA GLU A 47 3.30 7.89 -4.92
C GLU A 47 2.71 6.49 -4.94
N TYR A 48 1.43 6.36 -4.59
CA TYR A 48 0.78 5.06 -4.61
C TYR A 48 0.61 4.55 -6.04
N HIS A 49 0.26 5.45 -6.97
CA HIS A 49 0.07 5.04 -8.36
C HIS A 49 1.41 4.77 -9.03
N LYS A 50 2.45 5.52 -8.68
CA LYS A 50 3.78 5.24 -9.22
C LYS A 50 4.21 3.82 -8.90
N LEU A 51 4.07 3.40 -7.65
CA LEU A 51 4.46 2.06 -7.27
C LEU A 51 3.52 1.02 -7.85
N ALA A 52 2.22 1.31 -7.89
CA ALA A 52 1.26 0.38 -8.47
C ALA A 52 1.60 0.10 -9.93
N ARG A 53 1.96 1.14 -10.68
CA ARG A 53 2.39 0.95 -12.07
C ARG A 53 3.66 0.10 -12.13
N LYS A 54 4.56 0.28 -11.16
CA LYS A 54 5.77 -0.53 -11.12
C LYS A 54 5.44 -2.01 -10.89
N LEU A 55 4.48 -2.29 -10.02
CA LEU A 55 4.02 -3.65 -9.78
C LEU A 55 3.00 -4.10 -10.81
N LYS A 56 2.65 -3.24 -11.77
CA LYS A 56 1.72 -3.57 -12.85
C LYS A 56 0.35 -3.99 -12.31
N LEU A 57 -0.06 -3.34 -11.22
CA LEU A 57 -1.47 -3.29 -10.87
C LEU A 57 -2.21 -2.24 -11.68
N ILE A 58 -1.48 -1.39 -12.39
CA ILE A 58 -2.05 -0.28 -13.16
C ILE A 58 -1.21 -0.11 -14.44
N PRO A 59 -1.81 0.27 -15.56
CA PRO A 59 -3.22 0.63 -15.80
C PRO A 59 -4.18 -0.56 -15.91
N LYS A 60 -5.38 -0.28 -16.40
CA LYS A 60 -6.38 -1.33 -16.57
C LYS A 60 -5.86 -2.40 -17.52
N GLY A 61 -6.01 -3.66 -17.11
CA GLY A 61 -5.51 -4.77 -17.87
C GLY A 61 -4.06 -5.10 -17.64
N ALA A 62 -3.37 -4.39 -16.76
CA ALA A 62 -2.00 -4.74 -16.43
C ALA A 62 -1.93 -6.18 -15.97
N GLU A 63 -0.77 -6.80 -16.17
CA GLU A 63 -0.66 -8.25 -16.06
C GLU A 63 -0.72 -8.75 -14.62
N ASN A 64 -0.50 -7.88 -13.63
CA ASN A 64 -0.60 -8.26 -12.22
C ASN A 64 -1.86 -7.71 -11.56
N SER A 65 -2.83 -7.26 -12.36
CA SER A 65 -4.03 -6.62 -11.82
C SER A 65 -5.20 -7.59 -11.63
N LYS A 66 -5.16 -8.75 -12.26
CA LYS A 66 -6.23 -9.74 -12.16
C LYS A 66 -7.58 -9.16 -12.61
N GLY A 67 -7.54 -8.15 -13.46
CA GLY A 67 -8.75 -7.54 -13.99
C GLY A 67 -9.39 -6.49 -13.10
N TYR A 68 -8.81 -6.20 -11.95
CA TYR A 68 -9.34 -5.15 -11.09
C TYR A 68 -8.83 -3.78 -11.53
N ASP A 69 -9.53 -2.75 -11.09
CA ASP A 69 -9.18 -1.35 -11.38
C ASP A 69 -8.61 -0.75 -10.10
N PHE A 70 -7.29 -0.70 -10.02
CA PHE A 70 -6.59 -0.18 -8.84
C PHE A 70 -6.33 1.31 -8.91
N GLU A 71 -6.85 2.00 -9.93
CA GLU A 71 -6.71 3.45 -10.00
C GLU A 71 -7.69 4.13 -9.06
N ILE A 72 -7.23 5.20 -8.41
CA ILE A 72 -8.03 5.96 -7.48
C ILE A 72 -8.08 7.41 -7.98
N LYS A 73 -9.29 7.96 -8.03
CA LYS A 73 -9.51 9.32 -8.52
C LYS A 73 -10.02 10.18 -7.38
N PHE A 74 -9.23 11.17 -6.98
CA PHE A 74 -9.63 12.16 -5.99
C PHE A 74 -10.08 13.41 -6.74
N ASN A 75 -11.33 13.83 -6.52
CA ASN A 75 -11.87 14.98 -7.22
C ASN A 75 -12.15 16.13 -6.25
N PRO A 76 -12.00 17.37 -6.70
CA PRO A 76 -12.25 18.51 -5.79
C PRO A 76 -13.64 18.44 -5.16
N GLU A 77 -13.68 18.63 -3.84
CA GLU A 77 -14.92 18.59 -3.09
C GLU A 77 -15.68 17.29 -3.33
N ALA A 78 -15.53 16.34 -2.42
CA ALA A 78 -16.29 15.10 -2.43
C ALA A 78 -16.87 14.87 -1.03
N GLY A 79 -18.02 14.20 -1.00
CA GLY A 79 -18.72 13.98 0.26
C GLY A 79 -17.80 13.45 1.35
N ALA A 80 -18.27 13.50 2.60
CA ALA A 80 -17.48 12.99 3.70
C ALA A 80 -16.93 11.61 3.35
N ASN A 81 -15.61 11.46 3.50
CA ASN A 81 -14.91 10.22 3.15
C ASN A 81 -14.98 9.99 1.66
N CYS A 82 -14.19 10.75 0.91
CA CYS A 82 -14.10 10.52 -0.52
C CYS A 82 -13.36 9.22 -0.81
N LEU A 83 -12.27 8.96 -0.07
CA LEU A 83 -11.40 7.83 -0.38
C LEU A 83 -11.74 6.57 0.40
N VAL A 84 -12.38 6.68 1.56
CA VAL A 84 -12.78 5.48 2.29
C VAL A 84 -13.78 4.67 1.47
N LYS A 85 -14.55 5.33 0.60
CA LYS A 85 -15.52 4.64 -0.23
C LYS A 85 -14.85 3.70 -1.22
N TYR A 86 -13.57 3.91 -1.51
CA TYR A 86 -12.81 3.05 -2.41
C TYR A 86 -12.41 1.72 -1.77
N ARG A 87 -12.74 1.52 -0.49
CA ARG A 87 -12.32 0.31 0.20
C ARG A 87 -12.73 -0.95 -0.56
N ALA A 88 -13.97 -0.97 -1.06
CA ALA A 88 -14.43 -2.15 -1.79
C ALA A 88 -13.78 -2.25 -3.17
N GLN A 89 -13.50 -1.11 -3.81
CA GLN A 89 -12.93 -1.16 -5.15
C GLN A 89 -11.45 -1.51 -5.14
N VAL A 90 -10.69 -1.00 -4.17
CA VAL A 90 -9.24 -1.07 -4.19
C VAL A 90 -8.67 -1.84 -3.00
N TYR A 91 -9.28 -1.71 -1.82
CA TYR A 91 -8.67 -2.29 -0.63
C TYR A 91 -8.92 -3.79 -0.52
N VAL A 92 -10.12 -4.25 -0.81
CA VAL A 92 -10.43 -5.68 -0.61
C VAL A 92 -9.80 -6.51 -1.72
N PRO A 93 -9.66 -6.01 -2.96
CA PRO A 93 -8.88 -6.78 -3.94
C PRO A 93 -7.39 -6.73 -3.66
N LEU A 94 -6.91 -5.69 -2.98
CA LEU A 94 -5.49 -5.62 -2.64
C LEU A 94 -5.14 -6.63 -1.55
N LYS A 95 -5.91 -6.65 -0.46
CA LYS A 95 -5.69 -7.66 0.57
C LYS A 95 -5.85 -9.07 0.02
N GLU A 96 -6.58 -9.22 -1.09
CA GLU A 96 -6.68 -10.51 -1.74
C GLU A 96 -5.36 -10.91 -2.38
N LEU A 97 -4.73 -9.99 -3.11
CA LEU A 97 -3.41 -10.28 -3.68
C LEU A 97 -2.39 -10.53 -2.57
N LEU A 98 -2.55 -9.89 -1.41
CA LEU A 98 -1.62 -10.09 -0.32
C LEU A 98 -1.74 -11.49 0.26
N ASN A 99 -2.97 -11.94 0.53
CA ASN A 99 -3.14 -13.26 1.16
C ASN A 99 -2.85 -14.38 0.18
N GLU A 100 -3.19 -14.20 -1.10
CA GLU A 100 -2.79 -15.18 -2.11
C GLU A 100 -1.27 -15.31 -2.18
N THR A 101 -0.56 -14.21 -1.94
CA THR A 101 0.90 -14.25 -1.96
C THR A 101 1.45 -15.00 -0.76
N GLU A 102 0.98 -14.64 0.44
CA GLU A 102 1.51 -15.27 1.65
C GLU A 102 1.21 -16.76 1.68
N GLU A 103 0.04 -17.16 1.17
CA GLU A 103 -0.26 -18.58 1.04
C GLU A 103 0.73 -19.24 0.08
N GLU A 104 0.89 -18.67 -1.11
CA GLU A 104 1.84 -19.22 -2.07
C GLU A 104 3.26 -19.25 -1.52
N ILE A 105 3.59 -18.32 -0.63
CA ILE A 105 4.90 -18.35 0.02
C ILE A 105 4.98 -19.54 0.98
N ASN A 106 3.89 -19.83 1.69
CA ASN A 106 3.90 -20.96 2.62
C ASN A 106 3.96 -22.29 1.88
N LYS A 107 3.33 -22.38 0.71
CA LYS A 107 3.45 -23.61 -0.08
C LYS A 107 4.86 -23.76 -0.65
N ALA A 108 5.49 -22.65 -1.04
CA ALA A 108 6.85 -22.71 -1.55
C ALA A 108 7.83 -23.08 -0.44
N LEU A 109 7.66 -22.50 0.75
CA LEU A 109 8.53 -22.86 1.87
C LEU A 109 8.31 -24.31 2.30
N ASN A 110 7.09 -24.82 2.17
CA ASN A 110 6.85 -26.23 2.42
C ASN A 110 7.64 -27.10 1.46
N LYS A 111 7.60 -26.76 0.17
CA LYS A 111 8.35 -27.52 -0.82
C LYS A 111 9.85 -27.41 -0.57
N LYS A 112 10.34 -26.21 -0.29
CA LYS A 112 11.77 -26.00 -0.07
C LYS A 112 12.29 -26.90 1.04
N MET A 113 11.65 -26.86 2.21
CA MET A 113 12.11 -27.67 3.33
C MET A 113 12.09 -29.15 2.99
N GLY A 114 11.14 -29.59 2.15
CA GLY A 114 11.14 -30.97 1.71
C GLY A 114 12.36 -31.29 0.87
N LEU A 115 12.70 -30.41 -0.07
CA LEU A 115 13.90 -30.60 -0.87
C LEU A 115 15.15 -30.57 0.01
N GLU A 116 15.14 -29.72 1.05
CA GLU A 116 16.30 -29.63 1.93
C GLU A 116 16.54 -30.94 2.67
N ASP A 117 15.47 -31.54 3.19
CA ASP A 117 15.63 -32.81 3.91
C ASP A 117 16.07 -33.92 2.96
N THR A 118 15.55 -33.91 1.73
CA THR A 118 16.01 -34.89 0.74
C THR A 118 17.52 -34.76 0.52
N LEU A 119 18.04 -33.52 0.54
CA LEU A 119 19.46 -33.33 0.29
C LEU A 119 20.30 -33.85 1.45
N GLU A 120 19.90 -33.57 2.69
CA GLU A 120 20.63 -34.08 3.84
C GLU A 120 20.59 -35.61 3.85
N GLN A 121 19.47 -36.19 3.45
CA GLN A 121 19.40 -37.65 3.30
C GLN A 121 20.46 -38.14 2.33
N LEU A 122 20.57 -37.49 1.17
CA LEU A 122 21.52 -37.93 0.15
C LEU A 122 22.95 -37.75 0.63
N ASN A 123 23.26 -36.62 1.29
CA ASN A 123 24.57 -36.43 1.87
C ASN A 123 24.91 -37.59 2.81
N ALA A 124 23.93 -38.04 3.60
CA ALA A 124 24.15 -39.18 4.48
C ALA A 124 24.47 -40.44 3.69
N MET A 125 23.73 -40.66 2.59
CA MET A 125 23.94 -41.87 1.81
C MET A 125 25.24 -41.80 0.99
N ILE A 126 25.55 -40.63 0.45
CA ILE A 126 26.78 -40.48 -0.33
C ILE A 126 28.00 -40.64 0.57
N THR A 127 27.93 -40.11 1.80
CA THR A 127 29.06 -40.19 2.70
C THR A 127 29.30 -41.62 3.18
N GLU A 128 28.22 -42.40 3.37
CA GLU A 128 28.38 -43.79 3.77
C GLU A 128 28.83 -44.66 2.60
N SER A 129 28.39 -44.35 1.38
CA SER A 129 28.86 -45.10 0.21
C SER A 129 30.34 -44.86 -0.04
N LYS A 130 30.79 -43.61 0.11
CA LYS A 130 32.21 -43.33 -0.05
C LYS A 130 33.05 -44.09 0.97
N ARG A 131 32.52 -44.24 2.20
CA ARG A 131 33.22 -45.03 3.21
C ARG A 131 33.37 -46.48 2.76
N SER A 132 32.28 -47.08 2.28
CA SER A 132 32.33 -48.48 1.86
C SER A 132 33.31 -48.68 0.72
N VAL A 133 33.24 -47.82 -0.30
CA VAL A 133 34.17 -47.92 -1.42
C VAL A 133 35.60 -47.87 -0.94
N ARG A 134 35.90 -46.97 0.00
CA ARG A 134 37.25 -46.88 0.55
C ARG A 134 37.60 -48.11 1.38
N THR A 135 36.62 -48.69 2.07
CA THR A 135 36.88 -49.89 2.86
C THR A 135 37.13 -51.09 1.96
N LEU A 136 36.18 -51.38 1.07
CA LEU A 136 36.35 -52.50 0.15
C LEU A 136 37.65 -52.36 -0.64
N LYS A 137 37.97 -51.12 -1.03
CA LYS A 137 39.26 -50.83 -1.66
C LYS A 137 40.41 -51.44 -0.87
N GLU A 138 40.56 -51.04 0.40
CA GLU A 138 41.67 -51.53 1.20
C GLU A 138 41.64 -53.05 1.33
N GLU A 139 40.45 -53.63 1.49
CA GLU A 139 40.36 -55.08 1.65
C GLU A 139 40.77 -55.80 0.38
N VAL A 140 40.34 -55.30 -0.79
CA VAL A 140 40.75 -55.90 -2.05
C VAL A 140 42.27 -55.86 -2.19
N GLN A 141 42.87 -54.71 -1.88
CA GLN A 141 44.32 -54.57 -1.99
C GLN A 141 45.05 -55.30 -0.88
N LYS A 142 44.36 -55.68 0.20
CA LYS A 142 45.01 -56.46 1.24
C LYS A 142 45.30 -57.88 0.76
N CYS A 143 44.42 -58.45 -0.05
CA CYS A 143 44.63 -59.78 -0.61
C CYS A 143 45.96 -59.85 -1.35
N CYS B 1 -35.95 62.22 7.16
CA CYS B 1 -35.27 61.42 8.23
C CYS B 1 -35.50 59.94 7.99
N LYS B 2 -36.71 59.60 7.55
CA LYS B 2 -37.01 58.20 7.24
C LYS B 2 -36.34 57.76 5.94
N ASN B 3 -35.89 58.69 5.09
CA ASN B 3 -35.20 58.28 3.87
C ASN B 3 -33.85 57.64 4.19
N TYR B 4 -33.00 58.36 4.93
CA TYR B 4 -31.69 57.82 5.27
C TYR B 4 -31.80 56.70 6.30
N LYS B 5 -32.71 56.84 7.27
CA LYS B 5 -32.86 55.82 8.29
C LYS B 5 -33.24 54.48 7.67
N GLU B 6 -34.10 54.48 6.65
CA GLU B 6 -34.40 53.23 5.95
C GLU B 6 -33.17 52.69 5.23
N LYS B 7 -32.41 53.57 4.57
CA LYS B 7 -31.17 53.14 3.93
C LYS B 7 -30.26 52.44 4.92
N MET B 8 -30.06 53.05 6.09
CA MET B 8 -29.26 52.40 7.13
C MET B 8 -29.94 51.14 7.64
N LYS B 9 -31.28 51.11 7.65
CA LYS B 9 -31.99 49.89 8.03
C LYS B 9 -31.82 48.81 6.97
N ASP B 10 -31.73 49.19 5.69
CA ASP B 10 -31.45 48.21 4.65
C ASP B 10 -29.98 47.82 4.65
N THR B 11 -29.09 48.78 4.93
CA THR B 11 -27.67 48.49 4.93
C THR B 11 -27.31 47.45 6.00
N VAL B 12 -27.92 47.56 7.18
CA VAL B 12 -27.64 46.59 8.24
C VAL B 12 -28.10 45.20 7.81
N GLN B 13 -29.26 45.11 7.17
CA GLN B 13 -29.75 43.81 6.73
C GLN B 13 -28.93 43.29 5.55
N LYS B 14 -28.52 44.19 4.65
CA LYS B 14 -27.61 43.78 3.58
C LYS B 14 -26.29 43.26 4.15
N LEU B 15 -25.81 43.88 5.23
CA LEU B 15 -24.58 43.41 5.87
C LEU B 15 -24.82 42.09 6.59
N LYS B 16 -25.89 42.01 7.39
CA LYS B 16 -26.18 40.78 8.12
C LYS B 16 -26.40 39.62 7.18
N ASN B 17 -27.02 39.87 6.02
CA ASN B 17 -27.22 38.80 5.05
C ASN B 17 -25.90 38.36 4.44
N ALA B 18 -25.06 39.31 4.05
CA ALA B 18 -23.75 38.97 3.49
C ALA B 18 -22.93 38.16 4.49
N ARG B 19 -22.93 38.59 5.75
CA ARG B 19 -22.24 37.83 6.80
C ARG B 19 -22.73 36.39 6.83
N GLN B 20 -24.05 36.18 6.78
CA GLN B 20 -24.60 34.83 6.84
C GLN B 20 -24.12 33.99 5.66
N GLU B 21 -23.92 34.59 4.50
CA GLU B 21 -23.48 33.83 3.34
CA GLU B 21 -23.47 33.84 3.34
C GLU B 21 -22.02 33.42 3.48
N VAL B 22 -21.17 34.31 4.01
CA VAL B 22 -19.75 33.99 4.17
C VAL B 22 -19.57 32.92 5.24
N VAL B 23 -20.32 33.01 6.33
CA VAL B 23 -20.23 31.98 7.38
C VAL B 23 -20.63 30.63 6.81
N GLU B 24 -21.68 30.60 5.99
CA GLU B 24 -22.12 29.35 5.39
C GLU B 24 -21.00 28.71 4.56
N LYS B 25 -20.47 29.45 3.59
CA LYS B 25 -19.38 28.92 2.77
C LYS B 25 -18.19 28.53 3.63
N TYR B 26 -17.90 29.32 4.68
CA TYR B 26 -16.81 28.99 5.58
C TYR B 26 -17.04 27.63 6.23
N GLU B 27 -18.29 27.32 6.60
CA GLU B 27 -18.57 26.05 7.25
C GLU B 27 -18.44 24.87 6.28
N ILE B 28 -18.76 25.08 5.00
CA ILE B 28 -18.60 24.02 4.01
C ILE B 28 -17.13 23.64 3.91
N TYR B 29 -16.25 24.64 3.78
CA TYR B 29 -14.82 24.36 3.75
C TYR B 29 -14.32 23.86 5.11
N GLY B 30 -14.93 24.32 6.20
CA GLY B 30 -14.57 23.79 7.51
C GLY B 30 -14.83 22.31 7.61
N ASP B 31 -16.00 21.86 7.15
CA ASP B 31 -16.31 20.44 7.17
C ASP B 31 -15.38 19.67 6.22
N SER B 32 -15.10 20.23 5.04
CA SER B 32 -14.22 19.55 4.10
C SER B 32 -12.82 19.37 4.69
N VAL B 33 -12.30 20.40 5.36
CA VAL B 33 -10.98 20.30 5.97
C VAL B 33 -10.99 19.23 7.05
N ASP B 34 -12.10 19.10 7.78
CA ASP B 34 -12.18 18.13 8.86
C ASP B 34 -12.18 16.69 8.34
N CYS B 35 -12.48 16.47 7.06
CA CYS B 35 -12.53 15.13 6.50
C CYS B 35 -11.22 14.72 5.84
N LEU B 36 -10.35 15.66 5.52
CA LEU B 36 -9.09 15.31 4.87
C LEU B 36 -8.19 14.43 5.73
N PRO B 37 -8.16 14.54 7.07
CA PRO B 37 -7.36 13.59 7.85
C PRO B 37 -7.69 12.13 7.55
N SER B 38 -8.97 11.81 7.40
CA SER B 38 -9.36 10.44 7.06
C SER B 38 -8.88 10.07 5.66
N CYS B 39 -8.89 11.03 4.73
CA CYS B 39 -8.42 10.75 3.38
C CYS B 39 -6.91 10.51 3.37
N GLN B 40 -6.16 11.30 4.15
CA GLN B 40 -4.72 11.09 4.25
C GLN B 40 -4.41 9.71 4.80
N LEU B 41 -5.13 9.29 5.85
CA LEU B 41 -4.87 7.99 6.46
C LEU B 41 -5.15 6.87 5.47
N GLU B 42 -6.18 7.01 4.65
CA GLU B 42 -6.54 5.95 3.71
C GLU B 42 -5.44 5.71 2.70
N VAL B 43 -4.88 6.78 2.13
CA VAL B 43 -3.80 6.63 1.16
C VAL B 43 -2.57 6.02 1.82
N GLN B 44 -2.35 6.31 3.10
CA GLN B 44 -1.25 5.68 3.82
C GLN B 44 -1.44 4.16 3.89
N LEU B 45 -2.67 3.72 4.22
CA LEU B 45 -2.92 2.28 4.32
C LEU B 45 -2.78 1.59 2.97
N TYR B 46 -3.11 2.29 1.88
CA TYR B 46 -2.95 1.70 0.55
C TYR B 46 -1.48 1.60 0.18
N GLN B 47 -0.69 2.62 0.53
CA GLN B 47 0.75 2.56 0.26
C GLN B 47 1.40 1.45 1.06
N LYS B 48 0.95 1.23 2.30
CA LYS B 48 1.47 0.12 3.09
C LYS B 48 1.17 -1.21 2.42
N LYS B 49 -0.08 -1.41 2.00
CA LYS B 49 -0.47 -2.70 1.41
C LYS B 49 0.31 -2.96 0.12
N ILE B 50 0.49 -1.92 -0.70
CA ILE B 50 1.26 -2.11 -1.94
C ILE B 50 2.71 -2.44 -1.62
N GLN B 51 3.29 -1.75 -0.65
CA GLN B 51 4.66 -2.05 -0.25
C GLN B 51 4.76 -3.45 0.32
N ASP B 52 3.77 -3.88 1.10
CA ASP B 52 3.75 -5.24 1.60
C ASP B 52 3.66 -6.24 0.46
N LEU B 53 2.78 -5.97 -0.52
CA LEU B 53 2.67 -6.84 -1.68
C LEU B 53 4.01 -6.92 -2.42
N SER B 54 4.66 -5.77 -2.62
CA SER B 54 5.95 -5.76 -3.30
C SER B 54 6.96 -6.62 -2.56
N ASP B 55 7.09 -6.44 -1.25
CA ASP B 55 8.10 -7.17 -0.50
C ASP B 55 7.85 -8.67 -0.53
N ASN B 56 6.59 -9.08 -0.39
CA ASN B 56 6.29 -10.51 -0.37
C ASN B 56 6.49 -11.15 -1.74
N ARG B 57 6.27 -10.39 -2.83
CA ARG B 57 6.56 -10.92 -4.15
C ARG B 57 8.06 -11.16 -4.33
N GLU B 58 8.89 -10.25 -3.80
CA GLU B 58 10.34 -10.49 -3.81
C GLU B 58 10.69 -11.73 -3.02
N LYS B 59 10.08 -11.91 -1.84
CA LYS B 59 10.36 -13.09 -1.03
C LYS B 59 9.99 -14.37 -1.78
N LEU B 60 8.82 -14.38 -2.43
CA LEU B 60 8.41 -15.58 -3.16
C LEU B 60 9.38 -15.92 -4.28
N ALA B 61 9.80 -14.90 -5.03
CA ALA B 61 10.73 -15.15 -6.14
C ALA B 61 12.04 -15.74 -5.62
N SER B 62 12.53 -15.23 -4.48
CA SER B 62 13.77 -15.76 -3.92
C SER B 62 13.62 -17.23 -3.52
N ILE B 63 12.51 -17.57 -2.89
CA ILE B 63 12.30 -18.95 -2.45
C ILE B 63 12.21 -19.88 -3.66
N LEU B 64 11.40 -19.49 -4.65
CA LEU B 64 11.30 -20.29 -5.87
C LEU B 64 12.65 -20.40 -6.56
N LYS B 65 13.45 -19.32 -6.53
CA LYS B 65 14.77 -19.36 -7.13
C LYS B 65 15.64 -20.42 -6.47
N GLU B 66 15.79 -20.35 -5.14
CA GLU B 66 16.66 -21.31 -4.47
C GLU B 66 16.06 -22.71 -4.51
N SER B 67 14.73 -22.83 -4.50
CA SER B 67 14.11 -24.15 -4.59
C SER B 67 14.49 -24.85 -5.89
N LEU B 68 14.61 -24.08 -6.97
CA LEU B 68 15.05 -24.66 -8.24
C LEU B 68 16.54 -25.03 -8.17
N ASN B 69 17.34 -24.25 -7.44
CA ASN B 69 18.75 -24.60 -7.27
C ASN B 69 18.90 -25.89 -6.48
N LEU B 70 18.09 -26.06 -5.42
CA LEU B 70 18.15 -27.29 -4.65
C LEU B 70 17.74 -28.51 -5.49
N GLU B 71 16.80 -28.32 -6.43
CA GLU B 71 16.43 -29.41 -7.32
C GLU B 71 17.61 -29.81 -8.19
N ASP B 72 18.42 -28.84 -8.61
CA ASP B 72 19.63 -29.17 -9.37
C ASP B 72 20.64 -29.91 -8.51
N GLN B 73 20.72 -29.55 -7.23
CA GLN B 73 21.64 -30.24 -6.32
C GLN B 73 21.20 -31.68 -6.10
N ILE B 74 19.92 -31.90 -5.84
CA ILE B 74 19.40 -33.26 -5.68
C ILE B 74 19.71 -34.08 -6.93
N GLU B 75 19.52 -33.48 -8.11
CA GLU B 75 19.80 -34.19 -9.35
C GLU B 75 21.26 -34.59 -9.45
N SER B 76 22.17 -33.67 -9.12
CA SER B 76 23.59 -33.99 -9.16
C SER B 76 23.95 -35.02 -8.11
N ASP B 77 23.51 -34.82 -6.87
CA ASP B 77 23.83 -35.76 -5.80
C ASP B 77 23.27 -37.15 -6.10
N GLU B 78 22.16 -37.23 -6.82
CA GLU B 78 21.62 -38.53 -7.19
C GLU B 78 22.51 -39.24 -8.21
N SER B 79 23.22 -38.48 -9.04
CA SER B 79 24.20 -39.07 -9.94
C SER B 79 25.42 -39.57 -9.17
N GLU B 80 25.98 -38.72 -8.30
CA GLU B 80 27.14 -39.10 -7.52
C GLU B 80 26.88 -40.40 -6.75
N LEU B 81 25.71 -40.51 -6.13
CA LEU B 81 25.40 -41.73 -5.39
C LEU B 81 25.30 -42.94 -6.32
N LYS B 82 24.63 -42.77 -7.47
CA LYS B 82 24.55 -43.84 -8.44
C LYS B 82 25.94 -44.35 -8.82
N LYS B 83 26.87 -43.44 -9.09
CA LYS B 83 28.24 -43.84 -9.41
C LYS B 83 28.86 -44.60 -8.24
N LEU B 84 28.73 -44.06 -7.02
CA LEU B 84 29.35 -44.69 -5.86
C LEU B 84 28.79 -46.09 -5.65
N LYS B 85 27.47 -46.27 -5.75
CA LYS B 85 26.89 -47.58 -5.54
C LYS B 85 27.35 -48.57 -6.60
N THR B 86 27.60 -48.09 -7.83
CA THR B 86 28.15 -48.97 -8.87
C THR B 86 29.57 -49.39 -8.52
N GLU B 87 30.39 -48.46 -8.03
CA GLU B 87 31.75 -48.80 -7.63
C GLU B 87 31.73 -49.76 -6.44
N GLU B 88 30.88 -49.48 -5.44
CA GLU B 88 30.74 -50.37 -4.30
C GLU B 88 30.48 -51.80 -4.76
N ASN B 89 29.52 -51.99 -5.65
CA ASN B 89 29.17 -53.34 -6.09
C ASN B 89 30.32 -54.00 -6.85
N SER B 90 31.03 -53.23 -7.67
CA SER B 90 32.14 -53.80 -8.43
C SER B 90 33.19 -54.38 -7.50
N PHE B 91 33.52 -53.67 -6.41
CA PHE B 91 34.55 -54.15 -5.50
C PHE B 91 34.07 -55.33 -4.68
N LYS B 92 32.77 -55.39 -4.38
CA LYS B 92 32.21 -56.60 -3.78
C LYS B 92 32.39 -57.79 -4.70
N ARG B 93 32.30 -57.58 -6.02
CA ARG B 93 32.53 -58.64 -6.98
C ARG B 93 34.02 -58.95 -7.11
N LEU B 94 34.86 -57.90 -7.09
CA LEU B 94 36.30 -58.12 -7.17
C LEU B 94 36.81 -58.93 -5.98
N MET B 95 36.23 -58.69 -4.79
CA MET B 95 36.63 -59.46 -3.62
C MET B 95 36.39 -60.95 -3.83
N ILE B 96 35.36 -61.31 -4.58
CA ILE B 96 35.05 -62.72 -4.79
C ILE B 96 35.99 -63.34 -5.81
N VAL B 97 36.26 -62.63 -6.90
CA VAL B 97 37.18 -63.12 -7.93
C VAL B 97 38.59 -62.73 -7.55
N CYS B 98 39.04 -63.15 -6.37
CA CYS B 98 40.36 -62.79 -5.86
C CYS B 98 41.39 -63.86 -6.22
#